data_9UAZ
#
_entry.id   9UAZ
#
_cell.length_a   1.00
_cell.length_b   1.00
_cell.length_c   1.00
_cell.angle_alpha   90.00
_cell.angle_beta   90.00
_cell.angle_gamma   90.00
#
_symmetry.space_group_name_H-M   'P 1'
#
loop_
_entity.id
_entity.type
_entity.pdbx_description
1 polymer 'M1 muscarinic acetylcholine receptor, de novo design protein'
2 non-polymer '[(1R,5S)-8-methyl-8-azabicyclo[3.2.1]octan-3-yl] (2S)-3-oxidanyl-2-phenyl-propanoate'
#
_entity_poly.entity_id   1
_entity_poly.type   'polypeptide(L)'
_entity_poly.pdbx_seq_one_letter_code
;DYKDDDDAAAQTSAPPAVSPQITVLAPGKGPWQVAFIGITTGLLSLATVTGNLLVLISFKVNTELKTVNNYFLLSLACAD
LIIGTFSMNLYTTYLLMGHWALGTLACDLWLALDYVASNASVMNLLLISFDRYFSVTRPLSYRAKRTPRRAALMIGLAWL
VSFVLWAPAILFWQYLVGERTVLAGQCYIQFLSQPIITFGTAMAAFYLPVTVMCTLYWRIYRFRRRGAEALERAFSLEDD
KEALLAALDALAEAFADDAELTALLALLRRLLEDPDLPADELAALRAALTRFPEFREALLALLDRYLATRDLADARDLVW
ALVLAIASDPRYRPAVAAMIAFGDAEVLRAGLLRGAEALGLPGGEALVEEIMAEAEKEKKAARTLSAILLAFILTWTPYN
IMVLVSTFCKDCVPETLWELGYWLCYVNSTINPMCYALCNKAFRDTFRLLLLCRWDKRRWRKIPKRPGSVHRTPSRQCHH
HHHHHHH
;
_entity_poly.pdbx_strand_id   B
#
loop_
_chem_comp.id
_chem_comp.type
_chem_comp.name
_chem_comp.formula
A1EBT non-polymer '[(1R,5S)-8-methyl-8-azabicyclo[3.2.1]octan-3-yl] (2S)-3-oxidanyl-2-phenyl-propanoate' 'C17 H23 N O3'
#
# COMPACT_ATOMS: atom_id res chain seq x y z
N TRP A 32 -23.53 -5.71 -35.67
CA TRP A 32 -24.26 -5.23 -34.51
C TRP A 32 -23.63 -5.74 -33.22
N GLN A 33 -23.71 -7.07 -33.02
CA GLN A 33 -23.13 -7.67 -31.82
C GLN A 33 -21.62 -7.50 -31.77
N VAL A 34 -20.95 -7.67 -32.92
CA VAL A 34 -19.50 -7.54 -32.96
C VAL A 34 -19.09 -6.08 -32.74
N ALA A 35 -19.77 -5.15 -33.41
CA ALA A 35 -19.39 -3.74 -33.30
C ALA A 35 -19.71 -3.16 -31.93
N PHE A 36 -20.66 -3.74 -31.20
CA PHE A 36 -20.99 -3.22 -29.88
C PHE A 36 -19.81 -3.39 -28.92
N ILE A 37 -19.18 -4.56 -28.95
CA ILE A 37 -18.02 -4.80 -28.07
C ILE A 37 -16.83 -3.99 -28.53
N GLY A 38 -16.58 -3.97 -29.84
CA GLY A 38 -15.37 -3.34 -30.35
C GLY A 38 -15.30 -1.85 -30.06
N ILE A 39 -16.45 -1.16 -30.12
CA ILE A 39 -16.47 0.27 -29.85
C ILE A 39 -16.07 0.54 -28.40
N THR A 40 -16.59 -0.27 -27.47
CA THR A 40 -16.32 -0.02 -26.05
C THR A 40 -14.84 -0.18 -25.72
N THR A 41 -14.19 -1.22 -26.24
CA THR A 41 -12.80 -1.48 -25.91
C THR A 41 -11.82 -0.69 -26.78
N GLY A 42 -12.30 -0.06 -27.85
CA GLY A 42 -11.43 0.80 -28.64
C GLY A 42 -11.22 2.13 -27.96
N LEU A 43 -12.30 2.72 -27.45
CA LEU A 43 -12.19 3.96 -26.69
C LEU A 43 -11.55 3.71 -25.34
N LEU A 44 -11.86 2.58 -24.70
CA LEU A 44 -11.27 2.25 -23.41
C LEU A 44 -9.76 2.10 -23.51
N SER A 45 -9.30 1.45 -24.57
CA SER A 45 -7.85 1.30 -24.77
C SER A 45 -7.18 2.65 -24.94
N LEU A 46 -7.84 3.60 -25.59
CA LEU A 46 -7.29 4.94 -25.70
C LEU A 46 -7.14 5.59 -24.33
N ALA A 47 -8.13 5.41 -23.45
CA ALA A 47 -8.02 5.95 -22.09
C ALA A 47 -6.91 5.26 -21.32
N THR A 48 -6.66 3.99 -21.59
CA THR A 48 -5.58 3.27 -20.92
C THR A 48 -4.22 3.83 -21.29
N VAL A 49 -3.97 4.00 -22.59
CA VAL A 49 -2.63 4.38 -23.03
C VAL A 49 -2.40 5.89 -22.90
N THR A 50 -3.44 6.70 -23.07
CA THR A 50 -3.27 8.15 -22.91
C THR A 50 -2.88 8.50 -21.49
N GLY A 51 -3.58 7.93 -20.51
CA GLY A 51 -3.19 8.13 -19.12
C GLY A 51 -1.83 7.53 -18.80
N ASN A 52 -1.53 6.37 -19.39
CA ASN A 52 -0.22 5.76 -19.20
C ASN A 52 0.88 6.63 -19.79
N LEU A 53 0.66 7.17 -20.99
CA LEU A 53 1.67 8.02 -21.60
C LEU A 53 1.78 9.36 -20.88
N LEU A 54 0.66 9.90 -20.41
CA LEU A 54 0.69 11.19 -19.72
C LEU A 54 1.48 11.13 -18.42
N VAL A 55 1.28 10.06 -17.64
CA VAL A 55 1.92 9.98 -16.33
C VAL A 55 3.42 9.70 -16.46
N LEU A 56 3.82 8.89 -17.44
CA LEU A 56 5.24 8.57 -17.59
C LEU A 56 6.05 9.81 -17.98
N ILE A 57 5.54 10.59 -18.92
CA ILE A 57 6.22 11.84 -19.29
C ILE A 57 6.09 12.88 -18.20
N SER A 58 5.12 12.74 -17.30
CA SER A 58 4.97 13.69 -16.20
C SER A 58 6.10 13.53 -15.18
N PHE A 59 6.67 12.33 -15.06
CA PHE A 59 7.81 12.14 -14.17
C PHE A 59 9.02 12.95 -14.64
N LYS A 60 9.26 12.97 -15.95
CA LYS A 60 10.35 13.76 -16.52
C LYS A 60 9.99 15.23 -16.68
N VAL A 61 8.71 15.59 -16.58
CA VAL A 61 8.29 16.97 -16.70
C VAL A 61 8.48 17.68 -15.37
N ASN A 62 7.83 17.15 -14.33
CA ASN A 62 7.99 17.67 -12.97
C ASN A 62 8.92 16.75 -12.20
N THR A 63 9.96 17.32 -11.59
CA THR A 63 10.97 16.53 -10.90
C THR A 63 10.53 16.19 -9.48
N GLU A 64 9.24 16.29 -9.19
CA GLU A 64 8.72 15.99 -7.87
C GLU A 64 8.09 14.62 -7.76
N LEU A 65 7.70 14.01 -8.89
CA LEU A 65 7.03 12.72 -8.89
C LEU A 65 8.00 11.55 -9.02
N LYS A 66 9.26 11.72 -8.67
CA LYS A 66 10.23 10.64 -8.70
C LYS A 66 10.49 10.04 -7.33
N THR A 67 9.72 10.41 -6.31
CA THR A 67 9.93 9.94 -4.96
C THR A 67 9.61 8.44 -4.85
N VAL A 68 9.98 7.87 -3.70
CA VAL A 68 9.82 6.43 -3.49
C VAL A 68 8.35 6.04 -3.58
N ASN A 69 7.48 6.83 -2.93
CA ASN A 69 6.06 6.50 -2.93
C ASN A 69 5.48 6.51 -4.33
N ASN A 70 5.90 7.47 -5.15
CA ASN A 70 5.43 7.57 -6.53
C ASN A 70 6.30 6.81 -7.52
N TYR A 71 7.44 6.27 -7.07
CA TYR A 71 8.26 5.48 -7.98
C TYR A 71 7.59 4.14 -8.29
N PHE A 72 6.94 3.54 -7.30
CA PHE A 72 6.20 2.31 -7.55
C PHE A 72 5.08 2.54 -8.54
N LEU A 73 4.41 3.69 -8.45
CA LEU A 73 3.37 4.04 -9.41
C LEU A 73 3.95 4.17 -10.82
N LEU A 74 5.22 4.54 -10.95
CA LEU A 74 5.85 4.58 -12.26
C LEU A 74 5.95 3.19 -12.87
N SER A 75 6.36 2.21 -12.07
CA SER A 75 6.42 0.83 -12.57
C SER A 75 5.03 0.30 -12.88
N LEU A 76 4.04 0.65 -12.04
CA LEU A 76 2.67 0.26 -12.31
C LEU A 76 2.18 0.86 -13.62
N ALA A 77 2.52 2.12 -13.87
CA ALA A 77 2.12 2.78 -15.11
C ALA A 77 2.80 2.17 -16.32
N CYS A 78 4.09 1.81 -16.21
CA CYS A 78 4.74 1.12 -17.31
C CYS A 78 4.07 -0.21 -17.61
N ALA A 79 3.74 -0.97 -16.56
CA ALA A 79 3.06 -2.24 -16.76
C ALA A 79 1.70 -2.05 -17.43
N ASP A 80 0.92 -1.08 -16.95
CA ASP A 80 -0.40 -0.86 -17.53
C ASP A 80 -0.31 -0.34 -18.95
N LEU A 81 0.71 0.46 -19.25
CA LEU A 81 0.95 0.89 -20.62
C LEU A 81 1.23 -0.32 -21.51
N ILE A 82 2.05 -1.25 -21.03
CA ILE A 82 2.37 -2.43 -21.82
C ILE A 82 1.10 -3.24 -22.10
N ILE A 83 0.31 -3.49 -21.05
CA ILE A 83 -0.88 -4.35 -21.23
C ILE A 83 -2.09 -3.59 -21.77
N GLY A 84 -1.97 -2.29 -22.00
CA GLY A 84 -3.01 -1.58 -22.71
C GLY A 84 -2.67 -1.39 -24.17
N THR A 85 -1.38 -1.22 -24.47
CA THR A 85 -0.95 -1.09 -25.85
C THR A 85 -0.95 -2.43 -26.56
N PHE A 86 -0.39 -3.47 -25.92
CA PHE A 86 -0.15 -4.73 -26.61
C PHE A 86 -1.01 -5.89 -26.13
N SER A 87 -1.85 -5.69 -25.12
CA SER A 87 -2.62 -6.79 -24.56
C SER A 87 -4.13 -6.62 -24.68
N MET A 88 -4.67 -5.44 -24.33
CA MET A 88 -6.11 -5.24 -24.44
C MET A 88 -6.55 -5.17 -25.89
N ASN A 89 -5.82 -4.41 -26.71
CA ASN A 89 -6.17 -4.27 -28.13
C ASN A 89 -6.13 -5.63 -28.83
N LEU A 90 -5.01 -6.34 -28.69
CA LEU A 90 -4.91 -7.66 -29.30
C LEU A 90 -5.90 -8.66 -28.70
N TYR A 91 -6.21 -8.52 -27.41
CA TYR A 91 -7.20 -9.40 -26.80
C TYR A 91 -8.57 -9.23 -27.44
N THR A 92 -9.03 -7.98 -27.58
CA THR A 92 -10.33 -7.76 -28.18
C THR A 92 -10.33 -8.04 -29.68
N THR A 93 -9.19 -7.80 -30.34
CA THR A 93 -9.08 -8.19 -31.74
C THR A 93 -9.22 -9.69 -31.92
N TYR A 94 -8.60 -10.48 -31.05
CA TYR A 94 -8.80 -11.93 -31.05
C TYR A 94 -10.26 -12.27 -30.74
N LEU A 95 -10.85 -11.59 -29.75
CA LEU A 95 -12.19 -11.93 -29.30
C LEU A 95 -13.22 -11.71 -30.41
N LEU A 96 -13.11 -10.60 -31.15
CA LEU A 96 -14.07 -10.30 -32.20
C LEU A 96 -13.66 -10.95 -33.53
N MET A 97 -12.48 -10.59 -34.05
CA MET A 97 -11.95 -11.19 -35.26
C MET A 97 -11.14 -12.43 -34.87
N GLY A 98 -11.87 -13.54 -34.73
CA GLY A 98 -11.29 -14.82 -34.36
C GLY A 98 -10.38 -15.39 -35.42
N HIS A 99 -9.78 -14.50 -36.21
CA HIS A 99 -8.87 -14.93 -37.27
C HIS A 99 -7.43 -14.95 -36.76
N TRP A 100 -7.24 -14.58 -35.50
CA TRP A 100 -5.93 -14.55 -34.88
C TRP A 100 -5.57 -15.89 -34.23
N ALA A 101 -6.58 -16.70 -33.94
CA ALA A 101 -6.32 -18.00 -33.33
C ALA A 101 -5.40 -18.82 -34.22
N LEU A 102 -4.24 -19.20 -33.69
CA LEU A 102 -3.26 -20.03 -34.38
C LEU A 102 -2.83 -19.39 -35.70
N GLY A 103 -2.87 -18.07 -35.77
CA GLY A 103 -2.47 -17.37 -36.97
C GLY A 103 -1.54 -16.20 -36.70
N THR A 104 -1.40 -15.84 -35.42
CA THR A 104 -0.52 -14.74 -35.01
C THR A 104 0.65 -15.33 -34.24
N LEU A 105 1.86 -15.15 -34.76
CA LEU A 105 3.06 -15.61 -34.09
C LEU A 105 3.66 -14.58 -33.15
N ALA A 106 3.09 -13.38 -33.10
CA ALA A 106 3.44 -12.38 -32.09
C ALA A 106 2.67 -12.56 -30.81
N CYS A 107 1.84 -13.61 -30.72
CA CYS A 107 1.13 -13.89 -29.49
C CYS A 107 2.08 -14.21 -28.34
N ASP A 108 3.22 -14.85 -28.65
CA ASP A 108 4.20 -15.13 -27.60
C ASP A 108 4.71 -13.85 -26.98
N LEU A 109 5.07 -12.86 -27.81
CA LEU A 109 5.50 -11.57 -27.29
C LEU A 109 4.36 -10.86 -26.56
N TRP A 110 3.15 -10.93 -27.11
CA TRP A 110 2.02 -10.25 -26.50
C TRP A 110 1.75 -10.78 -25.10
N LEU A 111 1.77 -12.10 -24.92
CA LEU A 111 1.55 -12.65 -23.59
C LEU A 111 2.78 -12.56 -22.70
N ALA A 112 3.98 -12.53 -23.25
CA ALA A 112 5.14 -12.21 -22.43
C ALA A 112 4.96 -10.85 -21.78
N LEU A 113 4.62 -9.84 -22.58
CA LEU A 113 4.35 -8.52 -22.03
C LEU A 113 3.16 -8.55 -21.08
N ASP A 114 2.11 -9.29 -21.45
CA ASP A 114 0.90 -9.40 -20.62
C ASP A 114 1.23 -9.91 -19.23
N TYR A 115 1.80 -11.11 -19.14
CA TYR A 115 2.08 -11.72 -17.85
C TYR A 115 3.16 -10.96 -17.10
N VAL A 116 4.18 -10.45 -17.79
CA VAL A 116 5.23 -9.71 -17.12
C VAL A 116 4.67 -8.44 -16.47
N ALA A 117 3.86 -7.69 -17.21
CA ALA A 117 3.27 -6.49 -16.64
C ALA A 117 2.25 -6.81 -15.55
N SER A 118 1.44 -7.85 -15.74
CA SER A 118 0.46 -8.21 -14.72
C SER A 118 1.14 -8.63 -13.42
N ASN A 119 2.23 -9.41 -13.54
CA ASN A 119 2.93 -9.87 -12.35
C ASN A 119 3.75 -8.75 -11.74
N ALA A 120 4.29 -7.83 -12.55
CA ALA A 120 4.99 -6.68 -12.00
C ALA A 120 4.03 -5.65 -11.42
N SER A 121 2.74 -5.76 -11.71
CA SER A 121 1.74 -4.98 -10.99
C SER A 121 1.30 -5.67 -9.71
N VAL A 122 1.17 -7.01 -9.73
CA VAL A 122 0.83 -7.74 -8.51
C VAL A 122 1.96 -7.64 -7.50
N MET A 123 3.19 -7.88 -7.94
CA MET A 123 4.34 -7.79 -7.06
C MET A 123 4.58 -6.36 -6.61
N ASN A 124 4.26 -5.38 -7.45
CA ASN A 124 4.35 -4.00 -7.00
C ASN A 124 3.26 -3.67 -5.99
N LEU A 125 2.08 -4.25 -6.12
CA LEU A 125 1.04 -4.05 -5.12
C LEU A 125 1.46 -4.63 -3.79
N LEU A 126 1.98 -5.85 -3.79
CA LEU A 126 2.46 -6.45 -2.55
C LEU A 126 3.72 -5.77 -2.03
N LEU A 127 4.51 -5.15 -2.91
CA LEU A 127 5.68 -4.42 -2.47
C LEU A 127 5.30 -3.10 -1.82
N ILE A 128 4.30 -2.42 -2.36
CA ILE A 128 3.76 -1.23 -1.69
C ILE A 128 3.13 -1.62 -0.35
N SER A 129 2.43 -2.76 -0.33
CA SER A 129 1.83 -3.22 0.92
C SER A 129 2.90 -3.49 1.98
N PHE A 130 3.95 -4.21 1.62
CA PHE A 130 5.01 -4.50 2.57
C PHE A 130 5.79 -3.25 2.95
N ASP A 131 6.01 -2.35 1.99
CA ASP A 131 6.70 -1.09 2.28
C ASP A 131 5.92 -0.24 3.25
N ARG A 132 4.60 -0.13 3.11
CA ARG A 132 3.79 0.62 4.06
C ARG A 132 3.61 -0.09 5.39
N TYR A 133 3.55 -1.43 5.39
CA TYR A 133 3.54 -2.15 6.67
C TYR A 133 4.84 -1.93 7.43
N PHE A 134 5.98 -1.98 6.75
CA PHE A 134 7.25 -1.75 7.41
C PHE A 134 7.53 -0.27 7.66
N SER A 135 6.78 0.62 7.02
CA SER A 135 6.84 2.04 7.33
C SER A 135 5.82 2.45 8.39
N VAL A 136 4.92 1.55 8.79
CA VAL A 136 4.04 1.80 9.91
C VAL A 136 4.43 1.03 11.16
N THR A 137 5.11 -0.11 11.04
CA THR A 137 5.55 -0.89 12.19
C THR A 137 7.05 -0.83 12.44
N ARG A 138 7.86 -0.57 11.40
CA ARG A 138 9.30 -0.38 11.57
C ARG A 138 9.66 0.94 10.90
N PRO A 139 9.06 2.04 11.36
CA PRO A 139 9.08 3.27 10.57
C PRO A 139 10.38 4.04 10.70
N LEU A 140 11.30 3.52 11.51
CA LEU A 140 12.57 4.19 11.77
C LEU A 140 13.74 3.41 11.21
N SER A 141 13.65 2.08 11.22
CA SER A 141 14.59 1.26 10.45
C SER A 141 14.41 1.52 8.96
N TYR A 142 13.18 1.81 8.53
CA TYR A 142 12.91 2.14 7.13
C TYR A 142 13.04 3.63 6.83
N ARG A 143 13.28 4.47 7.84
CA ARG A 143 13.44 5.90 7.58
C ARG A 143 14.68 6.16 6.73
N ALA A 144 15.79 5.49 7.06
CA ALA A 144 17.04 5.63 6.32
C ALA A 144 17.25 4.48 5.35
N LYS A 145 16.29 3.56 5.27
CA LYS A 145 16.39 2.46 4.32
C LYS A 145 15.38 2.56 3.18
N ARG A 146 14.65 3.66 3.05
CA ARG A 146 13.75 3.90 1.93
C ARG A 146 14.05 5.29 1.39
N THR A 147 15.02 5.37 0.48
CA THR A 147 15.40 6.63 -0.16
C THR A 147 15.17 6.53 -1.65
N PRO A 148 15.24 7.63 -2.39
CA PRO A 148 15.01 7.60 -3.84
C PRO A 148 16.04 6.81 -4.63
N ARG A 149 17.08 6.28 -3.98
CA ARG A 149 18.04 5.43 -4.65
C ARG A 149 17.86 3.95 -4.35
N ARG A 150 17.41 3.58 -3.14
CA ARG A 150 17.03 2.21 -2.84
C ARG A 150 15.72 1.82 -3.49
N ALA A 151 14.87 2.80 -3.82
CA ALA A 151 13.67 2.52 -4.59
C ALA A 151 14.01 1.94 -5.95
N ALA A 152 15.05 2.46 -6.60
CA ALA A 152 15.48 1.94 -7.88
C ALA A 152 15.83 0.47 -7.76
N LEU A 153 16.61 0.11 -6.74
CA LEU A 153 16.98 -1.29 -6.52
C LEU A 153 15.78 -2.16 -6.19
N MET A 154 14.87 -1.71 -5.34
CA MET A 154 13.69 -2.51 -4.97
C MET A 154 12.80 -2.74 -6.19
N ILE A 155 12.54 -1.67 -6.95
CA ILE A 155 11.68 -1.78 -8.14
C ILE A 155 12.34 -2.67 -9.18
N GLY A 156 13.66 -2.52 -9.36
CA GLY A 156 14.37 -3.36 -10.30
C GLY A 156 14.35 -4.83 -9.89
N LEU A 157 14.47 -5.10 -8.60
CA LEU A 157 14.39 -6.48 -8.12
C LEU A 157 13.00 -7.05 -8.36
N ALA A 158 11.96 -6.26 -8.09
CA ALA A 158 10.60 -6.73 -8.35
C ALA A 158 10.39 -7.01 -9.84
N TRP A 159 10.83 -6.09 -10.70
CA TRP A 159 10.66 -6.26 -12.14
C TRP A 159 11.45 -7.44 -12.65
N LEU A 160 12.67 -7.64 -12.14
CA LEU A 160 13.48 -8.77 -12.58
C LEU A 160 12.91 -10.08 -12.09
N VAL A 161 12.33 -10.10 -10.89
CA VAL A 161 11.66 -11.31 -10.40
C VAL A 161 10.50 -11.65 -11.33
N SER A 162 9.68 -10.65 -11.67
CA SER A 162 8.57 -10.88 -12.59
C SER A 162 9.08 -11.35 -13.94
N PHE A 163 10.19 -10.76 -14.42
CA PHE A 163 10.81 -11.20 -15.66
C PHE A 163 11.17 -12.68 -15.61
N VAL A 164 12.08 -13.05 -14.71
CA VAL A 164 12.53 -14.44 -14.64
C VAL A 164 11.37 -15.39 -14.37
N LEU A 165 10.27 -14.89 -13.80
CA LEU A 165 9.08 -15.72 -13.67
C LEU A 165 8.43 -15.96 -15.03
N TRP A 166 8.25 -14.90 -15.82
CA TRP A 166 7.35 -14.97 -16.98
C TRP A 166 8.06 -14.84 -18.31
N ALA A 167 8.81 -13.76 -18.53
CA ALA A 167 9.33 -13.49 -19.87
C ALA A 167 10.26 -14.59 -20.39
N PRO A 168 11.28 -15.05 -19.66
CA PRO A 168 11.93 -16.30 -20.09
C PRO A 168 10.96 -17.46 -20.23
N ALA A 169 10.03 -17.60 -19.30
CA ALA A 169 9.11 -18.74 -19.36
C ALA A 169 8.13 -18.61 -20.51
N ILE A 170 7.35 -17.52 -20.54
CA ILE A 170 6.28 -17.39 -21.52
C ILE A 170 6.83 -17.49 -22.94
N LEU A 171 8.05 -17.00 -23.15
CA LEU A 171 8.64 -17.04 -24.48
C LEU A 171 9.29 -18.40 -24.75
N PHE A 172 10.29 -18.78 -23.95
CA PHE A 172 11.15 -19.90 -24.26
C PHE A 172 10.72 -21.21 -23.59
N TRP A 173 9.46 -21.32 -23.16
CA TRP A 173 8.98 -22.60 -22.66
C TRP A 173 8.68 -23.55 -23.81
N GLN A 174 8.31 -23.01 -24.96
CA GLN A 174 8.05 -23.82 -26.14
C GLN A 174 9.29 -24.61 -26.56
N TYR A 175 10.45 -23.94 -26.54
CA TYR A 175 11.69 -24.59 -26.93
C TYR A 175 12.01 -25.77 -26.00
N LEU A 176 11.57 -25.60 -24.75
CA LEU A 176 11.68 -26.63 -23.73
C LEU A 176 10.78 -27.78 -24.18
N GLU A 179 8.88 -28.57 -28.32
CA GLU A 179 7.82 -27.97 -29.14
C GLU A 179 8.15 -26.55 -29.58
N ARG A 180 8.98 -26.46 -30.63
CA ARG A 180 9.59 -25.19 -31.04
C ARG A 180 8.58 -24.09 -31.31
N THR A 181 7.49 -24.37 -32.02
CA THR A 181 6.45 -23.38 -32.24
C THR A 181 5.67 -23.13 -30.95
N VAL A 182 4.74 -22.19 -31.02
CA VAL A 182 3.87 -21.93 -29.87
C VAL A 182 3.00 -23.16 -29.67
N LEU A 183 3.27 -23.91 -28.60
CA LEU A 183 2.67 -25.23 -28.44
C LEU A 183 1.15 -25.13 -28.42
N ALA A 184 0.55 -25.51 -29.55
CA ALA A 184 -0.90 -25.51 -29.75
C ALA A 184 -1.54 -24.20 -29.30
N GLY A 185 -0.79 -23.10 -29.39
CA GLY A 185 -1.26 -21.84 -28.86
C GLY A 185 -2.00 -20.99 -29.86
N GLN A 186 -3.32 -20.90 -29.73
CA GLN A 186 -4.08 -19.96 -30.55
C GLN A 186 -3.66 -18.52 -30.23
N CYS A 187 -3.82 -18.11 -28.98
CA CYS A 187 -3.14 -16.92 -28.47
C CYS A 187 -2.55 -17.22 -27.10
N TYR A 188 -3.08 -18.23 -26.41
CA TYR A 188 -2.85 -18.43 -24.99
C TYR A 188 -1.43 -18.91 -24.67
N ILE A 189 -1.15 -19.13 -23.39
CA ILE A 189 0.19 -19.42 -22.88
C ILE A 189 0.32 -20.93 -22.71
N GLN A 190 1.46 -21.46 -23.12
CA GLN A 190 1.68 -22.91 -23.21
C GLN A 190 1.63 -23.63 -21.87
N PHE A 191 2.28 -23.10 -20.84
CA PHE A 191 2.45 -23.87 -19.61
C PHE A 191 1.29 -23.72 -18.65
N LEU A 192 0.33 -22.83 -18.94
CA LEU A 192 -0.86 -22.72 -18.10
C LEU A 192 -1.93 -23.71 -18.55
N SER A 193 -1.60 -25.00 -18.67
CA SER A 193 -2.57 -26.02 -19.06
C SER A 193 -2.52 -27.16 -18.04
N GLN A 194 -3.23 -26.96 -16.92
CA GLN A 194 -3.53 -27.97 -15.92
C GLN A 194 -4.45 -27.33 -14.89
N PRO A 195 -5.43 -28.07 -14.34
CA PRO A 195 -6.22 -27.51 -13.25
C PRO A 195 -5.40 -27.22 -12.01
N ILE A 196 -4.45 -28.09 -11.66
CA ILE A 196 -3.59 -27.86 -10.50
C ILE A 196 -2.64 -26.70 -10.75
N ILE A 197 -2.05 -26.61 -11.95
CA ILE A 197 -1.15 -25.50 -12.25
C ILE A 197 -1.91 -24.18 -12.28
N THR A 198 -3.10 -24.16 -12.89
CA THR A 198 -3.90 -22.94 -12.89
C THR A 198 -4.31 -22.54 -11.48
N PHE A 199 -4.71 -23.50 -10.65
CA PHE A 199 -5.04 -23.19 -9.26
C PHE A 199 -3.82 -22.67 -8.51
N GLY A 200 -2.65 -23.26 -8.75
CA GLY A 200 -1.44 -22.79 -8.09
C GLY A 200 -1.05 -21.38 -8.49
N THR A 201 -1.17 -21.06 -9.78
CA THR A 201 -0.94 -19.69 -10.21
C THR A 201 -1.97 -18.75 -9.60
N ALA A 202 -3.23 -19.18 -9.56
CA ALA A 202 -4.27 -18.35 -8.97
C ALA A 202 -3.97 -18.04 -7.51
N MET A 203 -3.54 -19.04 -6.75
CA MET A 203 -3.13 -18.78 -5.37
C MET A 203 -1.89 -17.91 -5.30
N ALA A 204 -0.77 -18.36 -5.87
CA ALA A 204 0.51 -17.67 -5.70
C ALA A 204 0.56 -16.30 -6.34
N ALA A 205 -0.41 -15.94 -7.18
CA ALA A 205 -0.45 -14.63 -7.80
C ALA A 205 -1.61 -13.78 -7.31
N PHE A 206 -2.84 -14.31 -7.29
CA PHE A 206 -3.95 -13.61 -6.67
C PHE A 206 -4.18 -14.05 -5.23
N TYR A 207 -4.72 -15.26 -5.09
CA TYR A 207 -5.10 -15.85 -3.82
C TYR A 207 -4.12 -15.59 -2.67
N LEU A 208 -2.96 -16.22 -2.75
CA LEU A 208 -1.96 -16.09 -1.69
C LEU A 208 -1.52 -14.64 -1.52
N PRO A 209 -1.14 -13.91 -2.58
CA PRO A 209 -0.91 -12.47 -2.39
C PRO A 209 -2.10 -11.69 -1.89
N VAL A 210 -3.33 -11.97 -2.35
CA VAL A 210 -4.43 -11.15 -1.87
C VAL A 210 -4.69 -11.42 -0.39
N THR A 211 -4.57 -12.67 0.05
CA THR A 211 -4.69 -12.96 1.47
C THR A 211 -3.53 -12.36 2.25
N VAL A 212 -2.34 -12.31 1.66
CA VAL A 212 -1.20 -11.71 2.36
C VAL A 212 -1.42 -10.22 2.56
N MET A 213 -1.77 -9.54 1.48
CA MET A 213 -2.05 -8.11 1.53
C MET A 213 -3.19 -7.86 2.51
N CYS A 214 -4.22 -8.71 2.46
CA CYS A 214 -5.35 -8.55 3.37
C CYS A 214 -4.94 -8.80 4.82
N THR A 215 -3.92 -9.62 5.05
CA THR A 215 -3.39 -9.79 6.40
C THR A 215 -2.62 -8.55 6.85
N LEU A 216 -1.78 -8.00 5.97
CA LEU A 216 -1.12 -6.74 6.34
C LEU A 216 -2.10 -5.59 6.43
N TYR A 217 -3.22 -5.66 5.70
CA TYR A 217 -4.26 -4.65 5.85
C TYR A 217 -5.02 -4.85 7.16
N TRP A 218 -5.25 -6.10 7.56
CA TRP A 218 -5.77 -6.39 8.89
C TRP A 218 -4.87 -5.75 9.95
N ARG A 219 -3.57 -6.03 9.86
CA ARG A 219 -2.64 -5.54 10.87
C ARG A 219 -2.58 -4.01 10.87
N ILE A 220 -2.47 -3.41 9.68
CA ILE A 220 -2.35 -1.96 9.60
C ILE A 220 -3.65 -1.27 10.01
N TYR A 221 -4.78 -1.82 9.60
CA TYR A 221 -6.08 -1.23 9.93
C TYR A 221 -6.37 -1.33 11.41
N ARG A 222 -6.19 -2.53 12.00
CA ARG A 222 -6.37 -2.68 13.43
C ARG A 222 -5.34 -1.91 14.23
N PHE A 223 -4.14 -1.71 13.69
CA PHE A 223 -3.08 -0.97 14.37
C PHE A 223 -3.39 0.53 14.39
N ARG A 224 -3.72 1.10 13.23
CA ARG A 224 -4.16 2.48 13.19
C ARG A 224 -5.47 2.68 13.94
N ARG A 225 -6.31 1.64 14.00
CA ARG A 225 -7.57 1.76 14.73
C ARG A 225 -7.35 1.72 16.23
N ARG A 226 -6.41 0.89 16.70
CA ARG A 226 -6.01 0.95 18.10
C ARG A 226 -5.46 2.33 18.43
N GLY A 227 -4.58 2.85 17.57
CA GLY A 227 -4.04 4.18 17.81
C GLY A 227 -5.12 5.25 17.87
N ALA A 228 -6.04 5.23 16.90
CA ALA A 228 -7.08 6.26 16.83
C ALA A 228 -8.07 6.14 17.96
N GLU A 229 -8.54 4.93 18.25
CA GLU A 229 -9.49 4.73 19.35
C GLU A 229 -8.86 5.09 20.68
N ALA A 230 -7.60 4.71 20.90
CA ALA A 230 -6.91 5.09 22.11
C ALA A 230 -6.73 6.60 22.24
N LEU A 231 -6.30 7.27 21.16
CA LEU A 231 -6.11 8.71 21.17
C LEU A 231 -7.43 9.48 21.18
N GLU A 232 -8.54 8.81 20.91
CA GLU A 232 -9.87 9.41 21.06
C GLU A 232 -10.44 9.22 22.45
N ARG A 233 -10.28 8.04 23.03
CA ARG A 233 -10.68 7.80 24.41
C ARG A 233 -9.80 8.61 25.35
N ALA A 234 -8.60 8.98 24.89
CA ALA A 234 -7.76 9.91 25.62
C ALA A 234 -8.14 11.36 25.38
N PHE A 235 -9.04 11.63 24.44
CA PHE A 235 -9.55 12.97 24.20
C PHE A 235 -11.05 13.08 24.50
N SER A 236 -11.80 11.99 24.37
CA SER A 236 -13.22 11.98 24.71
C SER A 236 -13.49 11.45 26.11
N LEU A 237 -12.44 11.09 26.86
CA LEU A 237 -12.58 10.65 28.23
C LEU A 237 -11.34 11.05 29.00
N GLU A 238 -11.54 11.73 30.13
CA GLU A 238 -10.43 12.24 30.93
C GLU A 238 -10.36 11.58 32.30
N ASP A 239 -11.04 10.45 32.49
CA ASP A 239 -11.04 9.74 33.77
C ASP A 239 -10.74 8.26 33.59
N ASP A 240 -10.23 7.87 32.42
CA ASP A 240 -9.95 6.48 32.10
C ASP A 240 -8.45 6.31 31.92
N LYS A 241 -7.77 5.93 33.01
CA LYS A 241 -6.33 5.68 32.98
C LYS A 241 -5.99 4.40 32.23
N GLU A 242 -6.97 3.55 31.95
CA GLU A 242 -6.75 2.37 31.12
C GLU A 242 -6.65 2.72 29.65
N ALA A 243 -7.41 3.70 29.18
CA ALA A 243 -7.26 4.20 27.82
C ALA A 243 -5.90 4.83 27.57
N LEU A 244 -5.35 5.54 28.56
CA LEU A 244 -4.00 6.08 28.43
C LEU A 244 -2.97 4.96 28.32
N LEU A 245 -3.15 3.90 29.12
CA LEU A 245 -2.28 2.74 29.05
C LEU A 245 -2.39 2.09 27.67
N ALA A 246 -3.60 2.01 27.14
CA ALA A 246 -3.80 1.47 25.80
C ALA A 246 -3.10 2.33 24.75
N ALA A 247 -3.17 3.65 24.89
CA ALA A 247 -2.50 4.55 23.95
C ALA A 247 -0.98 4.36 24.02
N LEU A 248 -0.44 4.25 25.23
CA LEU A 248 1.00 4.03 25.37
C LEU A 248 1.39 2.67 24.80
N ASP A 249 0.56 1.65 24.97
CA ASP A 249 0.82 0.35 24.38
C ASP A 249 0.81 0.43 22.86
N ALA A 250 -0.14 1.19 22.30
CA ALA A 250 -0.17 1.37 20.85
C ALA A 250 1.08 2.08 20.35
N LEU A 251 1.51 3.12 21.07
CA LEU A 251 2.74 3.81 20.68
C LEU A 251 3.95 2.89 20.76
N ALA A 252 4.01 2.06 21.80
CA ALA A 252 5.10 1.10 21.92
C ALA A 252 5.07 0.09 20.78
N GLU A 253 3.88 -0.37 20.40
CA GLU A 253 3.76 -1.25 19.24
C GLU A 253 4.17 -0.52 17.97
N ALA A 254 4.04 0.80 17.94
CA ALA A 254 4.53 1.59 16.82
C ALA A 254 6.04 1.80 16.91
N PHE A 255 6.50 2.35 18.04
CA PHE A 255 7.90 2.71 18.23
C PHE A 255 8.58 1.58 18.99
N ALA A 256 8.70 0.44 18.33
CA ALA A 256 9.36 -0.72 18.92
C ALA A 256 10.80 -0.90 18.46
N ASP A 257 11.21 -0.27 17.36
CA ASP A 257 12.58 -0.42 16.88
C ASP A 257 13.59 0.18 17.84
N ASP A 258 13.30 1.37 18.35
CA ASP A 258 14.25 2.08 19.20
C ASP A 258 14.40 1.32 20.52
N ALA A 259 15.59 1.43 21.11
CA ALA A 259 15.73 1.03 22.51
C ALA A 259 15.30 2.21 23.36
N GLU A 260 15.70 3.42 22.97
CA GLU A 260 15.39 4.60 23.76
C GLU A 260 13.90 4.88 23.81
N LEU A 261 13.24 4.91 22.65
CA LEU A 261 11.83 5.27 22.60
C LEU A 261 10.96 4.20 23.25
N THR A 262 11.23 2.92 22.94
CA THR A 262 10.46 1.85 23.57
C THR A 262 10.68 1.82 25.07
N ALA A 263 11.92 2.04 25.52
CA ALA A 263 12.19 2.10 26.95
C ALA A 263 11.46 3.26 27.61
N LEU A 264 11.42 4.42 26.94
CA LEU A 264 10.71 5.57 27.48
C LEU A 264 9.22 5.29 27.60
N LEU A 265 8.63 4.70 26.56
CA LEU A 265 7.20 4.39 26.60
C LEU A 265 6.88 3.36 27.67
N ALA A 266 7.69 2.31 27.78
CA ALA A 266 7.47 1.30 28.81
C ALA A 266 7.61 1.89 30.21
N LEU A 267 8.61 2.74 30.41
CA LEU A 267 8.79 3.37 31.73
C LEU A 267 7.63 4.28 32.06
N LEU A 268 7.14 5.05 31.09
CA LEU A 268 5.98 5.91 31.32
C LEU A 268 4.73 5.09 31.61
N ARG A 269 4.56 3.94 30.96
CA ARG A 269 3.41 3.09 31.27
C ARG A 269 3.51 2.48 32.66
N ARG A 270 4.69 2.00 33.06
CA ARG A 270 4.89 1.39 34.36
C ARG A 270 4.94 2.41 35.48
N LEU A 271 5.16 3.68 35.16
CA LEU A 271 5.11 4.74 36.17
C LEU A 271 3.70 4.87 36.75
N LEU A 272 2.69 4.78 35.90
CA LEU A 272 1.31 4.92 36.34
C LEU A 272 0.67 3.56 36.66
N GLU A 273 1.00 2.54 35.88
CA GLU A 273 0.45 1.21 36.09
C GLU A 273 0.98 0.58 37.37
N ASP A 280 12.96 4.53 43.57
CA ASP A 280 12.83 3.80 42.30
C ASP A 280 13.96 4.17 41.35
N GLU A 281 13.76 3.86 40.07
CA GLU A 281 14.74 4.14 39.02
C GLU A 281 14.24 5.20 38.04
N LEU A 282 13.43 6.14 38.53
CA LEU A 282 12.88 7.20 37.68
C LEU A 282 13.95 8.16 37.19
N ALA A 283 15.15 8.12 37.74
CA ALA A 283 16.23 8.97 37.26
C ALA A 283 16.58 8.65 35.81
N ALA A 284 16.62 7.37 35.47
CA ALA A 284 16.92 6.97 34.10
C ALA A 284 15.83 7.36 33.13
N LEU A 285 14.62 7.67 33.62
CA LEU A 285 13.54 8.09 32.74
C LEU A 285 13.87 9.38 32.01
N ARG A 286 14.44 10.35 32.73
CA ARG A 286 14.85 11.60 32.10
C ARG A 286 16.05 11.42 31.18
N ALA A 287 16.84 10.37 31.36
CA ALA A 287 17.92 10.08 30.41
C ALA A 287 17.36 9.69 29.05
N ALA A 288 16.28 8.90 29.03
CA ALA A 288 15.63 8.56 27.77
C ALA A 288 14.90 9.77 27.18
N LEU A 289 14.39 10.66 28.03
CA LEU A 289 13.73 11.87 27.55
C LEU A 289 14.71 12.90 27.02
N THR A 290 15.93 12.95 27.57
CA THR A 290 16.96 13.89 27.13
C THR A 290 17.92 13.26 26.13
N ARG A 291 17.48 12.24 25.38
CA ARG A 291 18.33 11.58 24.40
C ARG A 291 18.11 12.16 23.01
N PHE A 292 17.03 12.90 22.80
CA PHE A 292 16.77 13.58 21.53
C PHE A 292 16.24 14.98 21.82
N PRO A 293 16.93 15.76 22.65
CA PRO A 293 16.38 17.05 23.07
C PRO A 293 16.55 18.15 22.02
N GLU A 294 15.45 18.51 21.37
CA GLU A 294 15.36 19.70 20.54
C GLU A 294 14.46 20.75 21.16
N PHE A 295 13.25 20.36 21.54
CA PHE A 295 12.40 21.15 22.41
C PHE A 295 11.96 20.38 23.65
N ARG A 296 12.69 19.33 24.03
CA ARG A 296 12.29 18.43 25.10
C ARG A 296 12.44 19.06 26.49
N GLU A 297 12.81 20.35 26.53
CA GLU A 297 12.90 21.04 27.81
C GLU A 297 11.55 21.06 28.51
N ALA A 298 10.48 21.31 27.76
CA ALA A 298 9.13 21.28 28.32
C ALA A 298 8.65 19.87 28.66
N LEU A 299 9.24 18.84 28.05
CA LEU A 299 8.85 17.47 28.38
C LEU A 299 9.15 17.15 29.82
N LEU A 300 10.30 17.59 30.33
CA LEU A 300 10.64 17.35 31.73
C LEU A 300 9.67 18.07 32.66
N ALA A 301 9.31 19.31 32.32
CA ALA A 301 8.36 20.05 33.14
C ALA A 301 7.00 19.37 33.16
N LEU A 302 6.53 18.91 32.00
CA LEU A 302 5.25 18.22 31.95
C LEU A 302 5.30 16.90 32.72
N LEU A 303 6.42 16.18 32.62
CA LEU A 303 6.58 14.94 33.37
C LEU A 303 6.55 15.19 34.87
N ASP A 304 7.23 16.24 35.32
CA ASP A 304 7.19 16.59 36.74
C ASP A 304 5.77 16.96 37.17
N ARG A 305 5.08 17.76 36.36
CA ARG A 305 3.73 18.18 36.73
C ARG A 305 2.75 17.02 36.75
N TYR A 306 2.98 16.00 35.93
CA TYR A 306 2.06 14.86 35.85
C TYR A 306 2.50 13.68 36.71
N LEU A 307 3.68 13.76 37.34
CA LEU A 307 4.13 12.66 38.18
C LEU A 307 4.45 13.13 39.59
N ALA A 308 4.21 14.40 39.90
CA ALA A 308 4.40 14.88 41.27
C ALA A 308 3.06 15.22 41.91
N THR A 309 1.98 15.17 41.13
CA THR A 309 0.65 15.50 41.63
C THR A 309 -0.28 14.31 41.57
N ARG A 310 0.27 13.12 41.32
CA ARG A 310 -0.51 11.88 41.19
C ARG A 310 -1.66 12.08 40.19
N ASP A 311 -1.30 12.65 39.05
CA ASP A 311 -2.27 13.06 38.06
C ASP A 311 -3.00 11.88 37.46
N LEU A 312 -4.29 12.06 37.20
CA LEU A 312 -5.10 11.09 36.48
C LEU A 312 -5.42 11.50 35.06
N ALA A 313 -5.39 12.80 34.75
CA ALA A 313 -5.61 13.27 33.39
C ALA A 313 -4.46 14.08 32.81
N ASP A 314 -3.58 14.64 33.64
CA ASP A 314 -2.42 15.34 33.10
C ASP A 314 -1.45 14.38 32.44
N ALA A 315 -1.53 13.08 32.77
CA ALA A 315 -0.78 12.09 32.01
C ALA A 315 -1.24 12.00 30.57
N ARG A 316 -2.52 12.25 30.29
CA ARG A 316 -2.98 12.33 28.91
C ARG A 316 -2.33 13.50 28.19
N ASP A 317 -2.22 14.64 28.88
CA ASP A 317 -1.54 15.80 28.31
C ASP A 317 -0.08 15.49 28.04
N LEU A 318 0.56 14.77 28.98
CA LEU A 318 1.95 14.37 28.78
C LEU A 318 2.09 13.45 27.56
N VAL A 319 1.18 12.50 27.42
CA VAL A 319 1.24 11.57 26.28
C VAL A 319 1.05 12.34 24.97
N TRP A 320 0.09 13.27 24.94
CA TRP A 320 -0.14 14.04 23.73
C TRP A 320 1.03 14.96 23.41
N ALA A 321 1.65 15.58 24.42
CA ALA A 321 2.83 16.38 24.18
C ALA A 321 3.98 15.53 23.66
N LEU A 322 4.14 14.32 24.18
CA LEU A 322 5.14 13.40 23.64
C LEU A 322 4.85 13.02 22.20
N VAL A 323 3.58 12.78 21.85
CA VAL A 323 3.24 12.48 20.47
C VAL A 323 3.55 13.67 19.56
N LEU A 324 3.23 14.88 20.01
CA LEU A 324 3.50 16.07 19.20
C LEU A 324 5.01 16.26 19.02
N ALA A 325 5.78 16.08 20.09
CA ALA A 325 7.23 16.22 20.00
C ALA A 325 7.83 15.16 19.08
N ILE A 326 7.31 13.94 19.15
CA ILE A 326 7.77 12.88 18.25
C ILE A 326 7.42 13.23 16.81
N ALA A 327 6.21 13.74 16.58
CA ALA A 327 5.79 14.11 15.24
C ALA A 327 6.66 15.22 14.66
N SER A 328 7.07 16.18 15.50
CA SER A 328 7.88 17.30 15.05
C SER A 328 9.36 16.88 15.05
N ASP A 329 9.62 15.75 14.38
CA ASP A 329 10.98 15.24 14.22
C ASP A 329 11.16 14.83 12.77
N PRO A 330 12.34 15.03 12.18
CA PRO A 330 12.54 14.64 10.77
C PRO A 330 12.46 13.15 10.54
N ARG A 331 12.67 12.32 11.56
CA ARG A 331 12.70 10.88 11.39
C ARG A 331 11.41 10.19 11.82
N TYR A 332 10.66 10.77 12.75
CA TYR A 332 9.45 10.15 13.26
C TYR A 332 8.19 10.61 12.55
N ARG A 333 8.27 11.59 11.64
CA ARG A 333 7.08 12.16 11.04
C ARG A 333 6.22 11.13 10.30
N PRO A 334 6.77 10.31 9.39
CA PRO A 334 5.92 9.28 8.76
C PRO A 334 5.38 8.27 9.75
N ALA A 335 6.13 7.99 10.81
CA ALA A 335 5.70 7.00 11.80
C ALA A 335 4.36 7.37 12.41
N VAL A 336 4.25 8.60 12.93
CA VAL A 336 2.99 9.05 13.50
C VAL A 336 1.99 9.35 12.39
N ALA A 337 2.45 9.86 11.25
CA ALA A 337 1.53 10.24 10.18
C ALA A 337 0.74 9.04 9.67
N ALA A 338 1.35 7.86 9.68
CA ALA A 338 0.61 6.65 9.26
C ALA A 338 -0.52 6.34 10.22
N MET A 339 -0.30 6.54 11.53
CA MET A 339 -1.32 6.27 12.53
C MET A 339 -2.39 7.35 12.61
N ILE A 340 -2.10 8.55 12.10
CA ILE A 340 -3.05 9.66 12.12
C ILE A 340 -3.67 9.75 10.73
N ALA A 341 -3.72 8.61 10.02
CA ALA A 341 -4.34 8.58 8.71
C ALA A 341 -5.81 8.16 8.80
N PHE A 342 -6.09 7.08 9.53
CA PHE A 342 -7.40 6.46 9.53
C PHE A 342 -8.42 7.24 10.36
N GLY A 343 -8.17 7.39 11.66
CA GLY A 343 -9.15 8.00 12.54
C GLY A 343 -9.06 9.51 12.63
N ASP A 344 -8.37 10.17 11.70
CA ASP A 344 -8.06 11.58 11.82
C ASP A 344 -9.19 12.49 11.38
N ALA A 345 -10.44 12.02 11.40
CA ALA A 345 -11.55 12.86 11.00
C ALA A 345 -11.65 14.09 11.90
N GLU A 346 -11.95 13.89 13.17
CA GLU A 346 -12.05 15.00 14.10
C GLU A 346 -11.25 14.80 15.38
N VAL A 347 -11.16 13.57 15.88
CA VAL A 347 -10.61 13.33 17.22
C VAL A 347 -9.12 13.65 17.27
N LEU A 348 -8.35 13.17 16.29
CA LEU A 348 -6.91 13.30 16.36
C LEU A 348 -6.43 14.73 16.12
N ARG A 349 -7.16 15.50 15.30
CA ARG A 349 -6.82 16.92 15.16
C ARG A 349 -6.91 17.63 16.49
N ALA A 350 -8.01 17.42 17.21
CA ALA A 350 -8.17 18.04 18.53
C ALA A 350 -7.15 17.51 19.52
N GLY A 351 -6.83 16.22 19.44
CA GLY A 351 -5.84 15.66 20.34
C GLY A 351 -4.47 16.27 20.15
N LEU A 352 -4.02 16.39 18.89
CA LEU A 352 -2.73 16.99 18.62
C LEU A 352 -2.73 18.48 18.95
N LEU A 353 -3.85 19.18 18.73
CA LEU A 353 -3.93 20.58 19.11
C LEU A 353 -3.81 20.74 20.62
N ARG A 354 -4.49 19.89 21.38
CA ARG A 354 -4.37 19.94 22.84
C ARG A 354 -2.95 19.60 23.30
N GLY A 355 -2.33 18.63 22.65
CA GLY A 355 -0.94 18.31 22.99
C GLY A 355 0.01 19.46 22.72
N ALA A 356 -0.16 20.13 21.58
CA ALA A 356 0.65 21.31 21.29
C ALA A 356 0.37 22.43 22.28
N GLU A 357 -0.89 22.61 22.68
CA GLU A 357 -1.21 23.63 23.66
C GLU A 357 -0.63 23.32 25.03
N ALA A 358 -0.48 22.04 25.37
CA ALA A 358 0.16 21.63 26.61
C ALA A 358 1.68 21.65 26.52
N LEU A 359 2.25 21.31 25.36
CA LEU A 359 3.70 21.37 25.19
C LEU A 359 4.19 22.80 25.30
N GLY A 360 3.47 23.75 24.70
CA GLY A 360 3.81 25.15 24.76
C GLY A 360 4.74 25.65 23.67
N LEU A 361 4.87 24.94 22.57
CA LEU A 361 5.78 25.34 21.51
C LEU A 361 5.34 26.68 20.92
N PRO A 362 6.22 27.67 20.83
CA PRO A 362 5.86 28.98 20.24
C PRO A 362 5.78 28.92 18.72
N GLY A 363 4.63 28.49 18.22
CA GLY A 363 4.43 28.26 16.80
C GLY A 363 3.99 26.84 16.52
N GLY A 364 3.43 26.19 17.54
CA GLY A 364 3.03 24.80 17.40
C GLY A 364 1.84 24.62 16.48
N GLU A 365 1.07 25.68 16.25
CA GLU A 365 -0.06 25.59 15.33
C GLU A 365 0.40 25.26 13.92
N ALA A 366 1.47 25.92 13.46
CA ALA A 366 2.00 25.62 12.13
C ALA A 366 2.56 24.20 12.08
N LEU A 367 3.20 23.74 13.15
CA LEU A 367 3.71 22.38 13.19
C LEU A 367 2.57 21.37 13.10
N VAL A 368 1.48 21.63 13.82
CA VAL A 368 0.31 20.74 13.76
C VAL A 368 -0.31 20.76 12.37
N GLU A 369 -0.37 21.94 11.75
CA GLU A 369 -0.91 22.04 10.39
C GLU A 369 -0.06 21.23 9.41
N GLU A 370 1.26 21.33 9.52
CA GLU A 370 2.14 20.56 8.65
C GLU A 370 2.02 19.06 8.93
N ILE A 371 1.88 18.69 10.20
CA ILE A 371 1.73 17.29 10.56
C ILE A 371 0.45 16.71 9.97
N MET A 372 -0.65 17.46 10.06
CA MET A 372 -1.90 16.97 9.48
C MET A 372 -1.89 17.06 7.96
N ALA A 373 -1.06 17.94 7.38
CA ALA A 373 -0.86 17.89 5.94
C ALA A 373 -0.18 16.58 5.53
N GLU A 374 0.86 16.19 6.27
CA GLU A 374 1.49 14.89 6.02
C GLU A 374 0.51 13.76 6.27
N ALA A 375 -0.34 13.89 7.29
CA ALA A 375 -1.35 12.88 7.56
C ALA A 375 -2.38 12.78 6.45
N GLU A 376 -2.77 13.91 5.86
CA GLU A 376 -3.70 13.88 4.72
C GLU A 376 -3.03 13.29 3.49
N LYS A 377 -1.73 13.55 3.31
CA LYS A 377 -1.00 12.88 2.25
C LYS A 377 -0.98 11.36 2.46
N GLU A 378 -0.78 10.93 3.71
CA GLU A 378 -0.83 9.51 4.02
C GLU A 378 -2.23 8.95 3.79
N LYS A 379 -3.25 9.72 4.13
CA LYS A 379 -4.63 9.30 3.89
C LYS A 379 -4.90 9.14 2.40
N LYS A 380 -4.41 10.08 1.58
CA LYS A 380 -4.58 9.96 0.14
C LYS A 380 -3.83 8.76 -0.39
N ALA A 381 -2.62 8.50 0.10
CA ALA A 381 -1.87 7.34 -0.33
C ALA A 381 -2.57 6.04 0.06
N ALA A 382 -3.11 5.98 1.28
CA ALA A 382 -3.81 4.79 1.73
C ALA A 382 -5.10 4.60 0.95
N ARG A 383 -5.82 5.68 0.63
CA ARG A 383 -7.02 5.57 -0.17
C ARG A 383 -6.70 5.12 -1.59
N THR A 384 -5.58 5.60 -2.14
CA THR A 384 -5.14 5.12 -3.46
C THR A 384 -4.80 3.65 -3.41
N LEU A 385 -4.09 3.20 -2.36
CA LEU A 385 -3.81 1.79 -2.21
C LEU A 385 -5.09 0.97 -2.10
N SER A 386 -6.05 1.46 -1.31
CA SER A 386 -7.32 0.75 -1.16
C SER A 386 -8.08 0.71 -2.48
N ALA A 387 -8.06 1.81 -3.23
CA ALA A 387 -8.75 1.83 -4.51
C ALA A 387 -8.13 0.84 -5.50
N ILE A 388 -6.81 0.81 -5.59
CA ILE A 388 -6.16 -0.12 -6.49
C ILE A 388 -6.39 -1.55 -6.03
N LEU A 389 -6.33 -1.79 -4.72
CA LEU A 389 -6.56 -3.13 -4.20
C LEU A 389 -7.99 -3.59 -4.43
N LEU A 390 -8.95 -2.68 -4.28
CA LEU A 390 -10.36 -3.04 -4.48
C LEU A 390 -10.66 -3.26 -5.96
N ALA A 391 -10.10 -2.43 -6.83
CA ALA A 391 -10.25 -2.66 -8.26
C ALA A 391 -9.60 -3.98 -8.66
N PHE A 392 -8.42 -4.26 -8.13
CA PHE A 392 -7.75 -5.53 -8.36
C PHE A 392 -8.62 -6.70 -7.91
N ILE A 393 -9.21 -6.59 -6.73
CA ILE A 393 -10.06 -7.65 -6.20
C ILE A 393 -11.44 -7.70 -6.86
N LEU A 394 -11.89 -6.58 -7.40
CA LEU A 394 -13.21 -6.51 -8.04
C LEU A 394 -13.14 -6.82 -9.54
N THR A 395 -11.93 -7.01 -10.05
CA THR A 395 -11.70 -7.30 -11.46
C THR A 395 -10.95 -8.61 -11.67
N TRP A 396 -10.26 -9.10 -10.65
CA TRP A 396 -9.50 -10.34 -10.76
C TRP A 396 -10.20 -11.46 -10.02
N THR A 397 -11.03 -11.09 -9.04
CA THR A 397 -11.76 -12.07 -8.24
C THR A 397 -12.60 -13.00 -9.11
N PRO A 398 -13.51 -12.42 -9.92
CA PRO A 398 -14.41 -13.18 -10.81
C PRO A 398 -13.69 -14.25 -11.60
N TYR A 399 -12.59 -13.88 -12.25
CA TYR A 399 -11.75 -14.88 -12.93
C TYR A 399 -11.21 -15.89 -11.93
N ASN A 400 -10.75 -15.39 -10.79
CA ASN A 400 -10.21 -16.24 -9.74
C ASN A 400 -11.30 -17.13 -9.16
N ILE A 401 -12.45 -16.55 -8.83
CA ILE A 401 -13.57 -17.32 -8.29
C ILE A 401 -13.92 -18.45 -9.24
N MET A 402 -14.03 -18.14 -10.53
CA MET A 402 -14.33 -19.17 -11.51
C MET A 402 -13.18 -20.17 -11.67
N VAL A 403 -11.95 -19.76 -11.36
CA VAL A 403 -10.84 -20.71 -11.33
C VAL A 403 -10.97 -21.67 -10.17
N LEU A 404 -11.38 -21.17 -9.00
CA LEU A 404 -11.64 -22.03 -7.86
C LEU A 404 -12.70 -23.07 -8.19
N VAL A 405 -13.83 -22.62 -8.74
CA VAL A 405 -14.91 -23.54 -9.08
C VAL A 405 -14.61 -24.29 -10.38
N SER A 406 -13.48 -24.01 -11.03
CA SER A 406 -13.07 -24.78 -12.20
C SER A 406 -12.46 -26.12 -11.83
N THR A 407 -12.19 -26.34 -10.55
CA THR A 407 -11.83 -27.66 -10.04
C THR A 407 -12.90 -28.28 -9.15
N PHE A 408 -13.91 -27.51 -8.73
CA PHE A 408 -15.05 -28.01 -7.96
C PHE A 408 -16.25 -27.97 -8.90
N CYS A 409 -16.57 -29.12 -9.49
CA CYS A 409 -17.63 -29.21 -10.49
C CYS A 409 -17.34 -28.26 -11.65
N LYS A 410 -16.25 -28.54 -12.38
CA LYS A 410 -15.73 -27.69 -13.44
C LYS A 410 -16.79 -27.05 -14.32
N ASP A 411 -17.78 -27.83 -14.75
CA ASP A 411 -18.85 -27.33 -15.60
C ASP A 411 -19.83 -26.54 -14.72
N CYS A 412 -19.40 -25.34 -14.34
CA CYS A 412 -20.20 -24.49 -13.48
C CYS A 412 -20.50 -23.11 -14.09
N VAL A 413 -19.66 -22.63 -14.99
CA VAL A 413 -19.86 -21.30 -15.59
C VAL A 413 -19.72 -21.42 -17.11
N PRO A 414 -20.44 -20.61 -17.88
CA PRO A 414 -20.34 -20.67 -19.34
C PRO A 414 -19.14 -19.89 -19.85
N GLU A 415 -19.00 -19.88 -21.19
CA GLU A 415 -17.87 -19.20 -21.81
C GLU A 415 -18.00 -17.69 -21.71
N THR A 416 -19.23 -17.17 -21.81
CA THR A 416 -19.42 -15.72 -21.79
C THR A 416 -19.03 -15.12 -20.44
N LEU A 417 -19.36 -15.80 -19.35
CA LEU A 417 -18.95 -15.31 -18.03
C LEU A 417 -17.43 -15.31 -17.91
N TRP A 418 -16.79 -16.36 -18.43
CA TRP A 418 -15.32 -16.42 -18.41
C TRP A 418 -14.71 -15.26 -19.19
N GLU A 419 -15.26 -14.97 -20.37
CA GLU A 419 -14.75 -13.86 -21.17
C GLU A 419 -14.97 -12.52 -20.46
N LEU A 420 -16.13 -12.35 -19.82
CA LEU A 420 -16.37 -11.14 -19.05
C LEU A 420 -15.35 -10.98 -17.94
N GLY A 421 -15.05 -12.07 -17.22
CA GLY A 421 -14.06 -11.99 -16.16
C GLY A 421 -12.67 -11.67 -16.68
N TYR A 422 -12.27 -12.33 -17.77
CA TYR A 422 -10.94 -12.10 -18.34
C TYR A 422 -10.80 -10.65 -18.82
N TRP A 423 -11.84 -10.11 -19.46
CA TRP A 423 -11.78 -8.71 -19.89
C TRP A 423 -11.80 -7.77 -18.69
N LEU A 424 -12.55 -8.12 -17.65
CA LEU A 424 -12.58 -7.30 -16.44
C LEU A 424 -11.20 -7.21 -15.82
N CYS A 425 -10.44 -8.31 -15.86
CA CYS A 425 -9.07 -8.27 -15.35
C CYS A 425 -8.25 -7.17 -16.04
N TYR A 426 -8.46 -6.97 -17.34
CA TYR A 426 -7.76 -5.90 -18.05
C TYR A 426 -8.31 -4.53 -17.67
N VAL A 427 -9.56 -4.45 -17.23
CA VAL A 427 -10.16 -3.17 -16.89
C VAL A 427 -9.39 -2.50 -15.75
N ASN A 428 -8.73 -3.29 -14.91
CA ASN A 428 -7.89 -2.75 -13.84
C ASN A 428 -6.85 -1.78 -14.39
N SER A 429 -6.32 -2.08 -15.58
CA SER A 429 -5.34 -1.19 -16.20
C SER A 429 -5.95 0.17 -16.51
N THR A 430 -7.20 0.19 -16.97
CA THR A 430 -7.85 1.47 -17.29
C THR A 430 -8.04 2.33 -16.04
N ILE A 431 -8.43 1.71 -14.93
CA ILE A 431 -8.70 2.47 -13.71
C ILE A 431 -7.42 3.01 -13.10
N ASN A 432 -6.29 2.33 -13.33
CA ASN A 432 -5.07 2.65 -12.60
C ASN A 432 -4.60 4.09 -12.79
N PRO A 433 -4.50 4.64 -14.01
CA PRO A 433 -4.21 6.08 -14.12
C PRO A 433 -5.28 6.95 -13.49
N MET A 434 -6.54 6.54 -13.58
CA MET A 434 -7.62 7.32 -12.97
C MET A 434 -7.53 7.30 -11.45
N CYS A 435 -6.95 6.23 -10.88
CA CYS A 435 -6.77 6.18 -9.44
C CYS A 435 -5.81 7.26 -8.96
N TYR A 436 -4.71 7.47 -9.69
CA TYR A 436 -3.75 8.52 -9.32
C TYR A 436 -4.35 9.90 -9.51
N ALA A 437 -5.10 10.12 -10.60
CA ALA A 437 -5.59 11.44 -10.93
C ALA A 437 -6.58 11.95 -9.89
N LEU A 438 -7.48 11.08 -9.44
CA LEU A 438 -8.51 11.48 -8.47
C LEU A 438 -7.88 11.84 -7.13
C10 A1EBT B . -3.72 -12.26 -15.14
C13 A1EBT B . -4.66 -14.05 -12.95
C15 A1EBT B . -2.07 -14.14 -12.92
C17 A1EBT B . -1.14 -14.41 -13.87
C20 A1EBT B . -0.73 -12.29 -12.06
C21 A1EBT B . 0.24 -12.59 -13.05
C05 A1EBT B . -5.70 -11.86 -17.26
C06 A1EBT B . -3.50 -11.63 -16.48
C07 A1EBT B . -5.43 -10.29 -17.23
C08 A1EBT B . -3.99 -10.14 -16.73
C09 A1EBT B . -6.29 -12.57 -16.04
C11 A1EBT B . -5.30 -12.59 -14.74
C12 A1EBT B . -4.12 -13.69 -17.70
C14 A1EBT B . -3.37 -14.99 -12.85
C16 A1EBT B . -3.42 -15.92 -11.57
C18 A1EBT B . -1.87 -13.04 -12.00
C19 A1EBT B . 0.04 -13.64 -13.95
N04 A1EBT B . -4.31 -12.23 -17.55
O01 A1EBT B . -5.34 -13.85 -14.25
O02 A1EBT B . -5.07 -13.51 -11.96
O03 A1EBT B . -4.38 -16.92 -11.82
#